data_1R1Q
#
_entry.id   1R1Q
#
_cell.length_a   42.710
_cell.length_b   51.810
_cell.length_c   43.970
_cell.angle_alpha   90.00
_cell.angle_beta   101.38
_cell.angle_gamma   90.00
#
_symmetry.space_group_name_H-M   'P 1 21 1'
#
loop_
_entity.id
_entity.type
_entity.pdbx_description
1 polymer 'GRB2-related adaptor protein 2'
2 polymer 'LAT pY191 peptide'
3 non-polymer 'SULFATE ION'
4 water water
#
loop_
_entity_poly.entity_id
_entity_poly.type
_entity_poly.pdbx_seq_one_letter_code
_entity_poly.pdbx_strand_id
1 'polypeptide(L)'
;GSFIDIEFPEWFHEGLSRHQAENLLMGKDIGFFIIRASQSSPGDFSISVRHEDDVQHFKVMRDTKGNYFLWTEKFPSLNK
LVDYYRTTSISKQKQVFLRD
;
A,B
2 'polypeptide(L)' (ACE)RE(PTR)VNV C,D
#
# COMPACT_ATOMS: atom_id res chain seq x y z
N ILE A 4 18.84 31.75 3.02
CA ILE A 4 17.59 30.97 3.27
C ILE A 4 17.81 29.85 4.33
N ASP A 5 16.76 29.02 4.59
CA ASP A 5 16.85 27.81 5.48
C ASP A 5 17.23 26.48 4.78
N ILE A 6 16.78 26.31 3.54
CA ILE A 6 17.03 25.12 2.69
C ILE A 6 16.54 23.79 3.30
N GLU A 7 17.33 23.28 4.23
CA GLU A 7 17.18 21.96 4.80
C GLU A 7 15.77 21.67 5.34
N PHE A 8 15.21 20.54 4.92
CA PHE A 8 13.90 20.11 5.44
C PHE A 8 14.07 19.73 6.90
N PRO A 9 12.99 19.73 7.68
CA PRO A 9 13.05 19.24 9.07
C PRO A 9 13.59 17.79 9.17
N GLU A 10 14.10 17.38 10.32
CA GLU A 10 14.73 16.05 10.48
C GLU A 10 13.78 14.88 10.15
N TRP A 11 12.49 15.04 10.45
CA TRP A 11 11.47 13.96 10.26
C TRP A 11 10.81 13.97 8.84
N PHE A 12 11.24 14.89 7.99
CA PHE A 12 10.72 15.04 6.65
C PHE A 12 11.54 14.24 5.64
N HIS A 13 10.92 13.22 5.03
CA HIS A 13 11.61 12.33 4.11
C HIS A 13 10.72 12.23 2.89
N GLU A 14 10.90 13.20 2.01
CA GLU A 14 10.06 13.38 0.83
C GLU A 14 9.87 12.01 0.11
N GLY A 15 10.98 11.28 -0.11
CA GLY A 15 10.91 10.07 -0.93
C GLY A 15 10.71 8.72 -0.27
N LEU A 16 10.29 8.66 0.99
CA LEU A 16 9.96 7.40 1.63
C LEU A 16 8.55 6.94 1.21
N SER A 17 8.42 5.72 0.67
CA SER A 17 7.13 5.11 0.35
C SER A 17 6.37 4.75 1.66
N ARG A 18 5.07 4.49 1.55
CA ARG A 18 4.28 4.10 2.71
C ARG A 18 4.91 2.85 3.36
N HIS A 19 5.28 1.88 2.52
CA HIS A 19 5.85 0.59 2.99
C HIS A 19 7.22 0.81 3.66
N GLN A 20 8.03 1.69 3.09
CA GLN A 20 9.39 1.89 3.65
C GLN A 20 9.23 2.60 4.99
N ALA A 21 8.24 3.50 5.05
CA ALA A 21 7.94 4.20 6.33
C ALA A 21 7.45 3.21 7.39
N GLU A 22 6.59 2.28 7.04
CA GLU A 22 6.25 1.16 7.94
C GLU A 22 7.45 0.36 8.44
N ASN A 23 8.32 -0.07 7.53
CA ASN A 23 9.50 -0.83 7.91
C ASN A 23 10.42 -0.09 8.85
N LEU A 24 10.53 1.21 8.64
CA LEU A 24 11.42 2.05 9.44
C LEU A 24 10.83 2.23 10.82
N LEU A 25 9.54 2.53 10.85
CA LEU A 25 8.89 2.86 12.14
C LEU A 25 8.54 1.64 12.98
N MET A 26 8.48 0.46 12.39
CA MET A 26 8.12 -0.77 13.19
C MET A 26 9.26 -1.03 14.17
N GLY A 27 10.48 -0.59 13.80
CA GLY A 27 11.58 -0.56 14.76
C GLY A 27 11.61 0.42 15.95
N LYS A 28 10.61 1.26 16.02
CA LYS A 28 10.55 2.36 17.00
C LYS A 28 9.31 2.26 17.88
N ASP A 29 9.31 3.12 18.90
CA ASP A 29 8.26 3.17 19.88
C ASP A 29 7.08 3.95 19.44
N ILE A 30 6.00 3.80 20.19
CA ILE A 30 4.79 4.59 19.91
C ILE A 30 5.07 6.07 19.72
N GLY A 31 4.47 6.64 18.67
CA GLY A 31 4.64 8.08 18.45
C GLY A 31 5.81 8.53 17.60
N PHE A 32 6.81 7.66 17.37
CA PHE A 32 7.84 8.04 16.40
C PHE A 32 7.16 8.14 15.04
N PHE A 33 7.65 9.05 14.20
CA PHE A 33 6.89 9.46 12.99
C PHE A 33 7.77 10.00 11.92
N ILE A 34 7.25 9.98 10.66
CA ILE A 34 7.89 10.72 9.59
C ILE A 34 6.82 11.37 8.73
N ILE A 35 7.24 12.39 7.96
CA ILE A 35 6.43 13.04 6.95
C ILE A 35 7.02 12.76 5.59
N ARG A 36 6.20 12.36 4.62
CA ARG A 36 6.68 11.91 3.33
C ARG A 36 5.65 12.48 2.32
N ALA A 37 6.09 12.63 1.07
CA ALA A 37 5.16 13.03 0.00
C ALA A 37 4.27 11.86 -0.18
N SER A 38 2.99 12.08 -0.48
CA SER A 38 2.04 10.97 -0.66
C SER A 38 2.28 10.19 -1.96
N GLN A 39 2.09 8.87 -1.86
CA GLN A 39 2.03 8.02 -3.06
C GLN A 39 0.68 8.02 -3.78
N SER A 40 -0.41 7.76 -3.03
CA SER A 40 -1.69 7.44 -3.66
C SER A 40 -2.35 8.75 -4.12
N SER A 41 -1.86 9.84 -3.56
CA SER A 41 -2.35 11.13 -3.99
C SER A 41 -1.11 12.03 -4.30
N PRO A 42 -0.50 11.97 -5.52
CA PRO A 42 0.62 12.86 -5.82
C PRO A 42 0.29 14.33 -5.57
N GLY A 43 1.14 15.07 -4.86
CA GLY A 43 0.75 16.41 -4.51
C GLY A 43 0.23 16.56 -3.08
N ASP A 44 -0.07 15.43 -2.38
CA ASP A 44 -0.27 15.48 -0.92
C ASP A 44 1.01 15.10 -0.16
N PHE A 45 0.94 15.36 1.14
CA PHE A 45 1.85 14.78 2.08
C PHE A 45 1.10 13.91 3.06
N SER A 46 1.84 12.91 3.57
CA SER A 46 1.36 11.99 4.55
C SER A 46 2.24 11.92 5.76
N ILE A 47 1.61 11.61 6.89
CA ILE A 47 2.39 11.41 8.13
C ILE A 47 2.21 9.97 8.58
N SER A 48 3.36 9.28 8.79
CA SER A 48 3.36 7.88 9.17
C SER A 48 3.75 7.87 10.63
N VAL A 49 2.97 7.16 11.50
CA VAL A 49 3.16 7.28 12.98
C VAL A 49 3.09 5.86 13.61
N ARG A 50 4.11 5.50 14.40
CA ARG A 50 4.10 4.21 15.09
C ARG A 50 2.99 4.21 16.17
N HIS A 51 2.09 3.19 16.09
CA HIS A 51 1.12 2.85 17.12
C HIS A 51 1.56 1.59 17.86
N GLU A 52 0.72 1.10 18.78
CA GLU A 52 1.19 -0.02 19.63
C GLU A 52 1.56 -1.29 18.84
N ASP A 53 0.75 -1.61 17.83
CA ASP A 53 0.88 -2.87 17.12
C ASP A 53 1.17 -2.74 15.63
N ASP A 54 1.21 -1.51 15.15
CA ASP A 54 1.44 -1.32 13.70
C ASP A 54 1.78 0.15 13.47
N VAL A 55 1.82 0.54 12.18
CA VAL A 55 2.12 1.93 11.79
C VAL A 55 0.88 2.45 11.05
N GLN A 56 0.37 3.61 11.44
CA GLN A 56 -0.83 4.22 10.79
C GLN A 56 -0.42 5.50 10.08
N HIS A 57 -1.27 5.90 9.12
CA HIS A 57 -0.96 6.98 8.22
C HIS A 57 -2.07 8.02 8.22
N PHE A 58 -1.67 9.30 8.15
CA PHE A 58 -2.57 10.44 8.19
C PHE A 58 -2.31 11.26 6.95
N LYS A 59 -3.37 11.92 6.46
CA LYS A 59 -3.25 12.76 5.27
C LYS A 59 -3.13 14.18 5.74
N VAL A 60 -2.09 14.90 5.29
CA VAL A 60 -2.06 16.34 5.62
C VAL A 60 -3.10 17.09 4.82
N MET A 61 -4.08 17.67 5.53
N MET A 61 -4.04 17.72 5.52
CA MET A 61 -5.16 18.46 4.86
CA MET A 61 -5.12 18.45 4.83
C MET A 61 -4.73 19.87 4.66
C MET A 61 -4.78 19.91 4.71
N ARG A 62 -5.29 20.57 3.68
CA ARG A 62 -4.97 22.01 3.45
C ARG A 62 -6.24 22.68 3.07
N ASP A 63 -6.31 24.01 3.30
CA ASP A 63 -7.36 24.85 2.75
C ASP A 63 -6.83 25.93 1.79
N THR A 64 -7.72 26.77 1.24
CA THR A 64 -7.33 27.76 0.22
C THR A 64 -6.47 28.93 0.77
N LYS A 65 -6.37 29.00 2.10
CA LYS A 65 -5.55 29.99 2.79
C LYS A 65 -4.17 29.40 3.10
N GLY A 66 -3.94 28.15 2.69
CA GLY A 66 -2.65 27.53 2.95
C GLY A 66 -2.46 26.99 4.36
N ASN A 67 -3.51 26.99 5.17
CA ASN A 67 -3.40 26.24 6.43
C ASN A 67 -3.16 24.77 6.27
N TYR A 68 -2.61 24.17 7.31
CA TYR A 68 -2.35 22.69 7.37
C TYR A 68 -3.17 22.15 8.54
N PHE A 69 -3.78 20.96 8.41
CA PHE A 69 -4.54 20.37 9.53
C PHE A 69 -4.65 18.85 9.34
N LEU A 70 -4.89 18.12 10.43
CA LEU A 70 -5.28 16.71 10.33
C LEU A 70 -6.76 16.49 10.68
N TRP A 71 -7.22 17.28 11.65
CA TRP A 71 -8.54 17.08 12.28
C TRP A 71 -9.32 18.40 12.31
N THR A 72 -9.26 19.14 13.42
CA THR A 72 -9.95 20.46 13.50
C THR A 72 -9.03 21.66 13.61
N GLU A 73 -8.06 21.58 14.54
CA GLU A 73 -7.08 22.66 14.73
C GLU A 73 -6.29 22.93 13.42
N LYS A 74 -6.11 24.21 13.05
CA LYS A 74 -5.36 24.51 11.82
C LYS A 74 -4.07 25.25 12.17
N PHE A 75 -3.05 25.14 11.28
CA PHE A 75 -1.69 25.62 11.59
C PHE A 75 -1.11 26.35 10.38
N PRO A 76 -0.24 27.35 10.61
CA PRO A 76 0.41 28.04 9.50
C PRO A 76 1.52 27.26 8.79
N SER A 77 1.98 26.17 9.39
CA SER A 77 3.14 25.48 8.86
C SER A 77 3.08 24.01 9.24
N LEU A 78 3.76 23.13 8.48
CA LEU A 78 3.92 21.73 8.92
C LEU A 78 4.59 21.63 10.27
N ASN A 79 5.58 22.52 10.49
N ASN A 79 5.59 22.49 10.52
CA ASN A 79 6.35 22.59 11.74
CA ASN A 79 6.29 22.43 11.82
C ASN A 79 5.45 22.80 12.98
C ASN A 79 5.34 22.68 12.99
N LYS A 80 4.46 23.68 12.86
CA LYS A 80 3.50 23.97 13.95
C LYS A 80 2.49 22.85 14.11
N LEU A 81 2.09 22.23 12.98
CA LEU A 81 1.24 21.02 13.11
C LEU A 81 1.93 19.91 13.93
N VAL A 82 3.16 19.62 13.57
CA VAL A 82 3.92 18.53 14.22
C VAL A 82 4.04 18.84 15.71
N ASP A 83 4.38 20.12 15.98
CA ASP A 83 4.53 20.57 17.39
C ASP A 83 3.28 20.38 18.23
N TYR A 84 2.12 20.69 17.64
CA TYR A 84 0.88 20.51 18.36
C TYR A 84 0.64 19.04 18.74
N TYR A 85 0.99 18.12 17.84
CA TYR A 85 0.71 16.71 18.05
C TYR A 85 1.74 16.00 18.96
N ARG A 86 2.68 16.78 19.48
CA ARG A 86 3.58 16.30 20.55
C ARG A 86 2.91 16.21 21.90
N THR A 87 1.86 17.00 22.08
CA THR A 87 1.20 17.15 23.39
C THR A 87 -0.33 17.12 23.32
N THR A 88 -0.88 16.97 22.10
CA THR A 88 -2.30 16.62 21.89
C THR A 88 -2.25 15.35 21.05
N SER A 89 -3.09 14.35 21.37
CA SER A 89 -3.04 13.02 20.70
C SER A 89 -3.37 13.19 19.21
N ILE A 90 -2.54 12.58 18.35
CA ILE A 90 -2.80 12.61 16.92
C ILE A 90 -3.82 11.53 16.55
N SER A 91 -3.98 10.55 17.42
CA SER A 91 -5.00 9.52 17.22
C SER A 91 -6.23 9.93 18.04
N LYS A 92 -7.41 9.73 17.47
CA LYS A 92 -8.67 9.87 18.17
C LYS A 92 -9.18 8.53 18.77
N GLN A 93 -8.57 7.39 18.44
CA GLN A 93 -9.02 6.10 19.04
C GLN A 93 -8.22 5.65 20.25
N LYS A 94 -6.92 5.98 20.24
CA LYS A 94 -5.96 5.70 21.30
C LYS A 94 -5.18 7.01 21.56
N GLN A 95 -4.35 7.04 22.59
CA GLN A 95 -3.56 8.22 22.85
C GLN A 95 -2.17 7.99 22.29
N VAL A 96 -1.86 8.80 21.27
CA VAL A 96 -0.60 8.71 20.61
C VAL A 96 -0.07 10.12 20.37
N PHE A 97 1.06 10.44 20.95
CA PHE A 97 1.73 11.71 20.82
C PHE A 97 2.99 11.57 19.98
N LEU A 98 3.17 12.44 19.02
CA LEU A 98 4.39 12.48 18.21
C LEU A 98 5.60 12.69 19.17
N ARG A 99 6.71 12.08 18.82
CA ARG A 99 7.90 12.13 19.66
C ARG A 99 9.13 11.94 18.78
N ASP A 100 10.28 12.38 19.28
CA ASP A 100 11.58 12.26 18.60
C ASP A 100 12.43 11.33 19.51
N GLY B 1 7.36 -28.73 -23.01
CA GLY B 1 6.74 -27.49 -22.48
C GLY B 1 7.04 -26.21 -23.26
N SER B 2 6.18 -25.22 -23.07
CA SER B 2 6.41 -23.85 -23.61
C SER B 2 7.32 -23.06 -22.66
N PHE B 3 7.73 -21.87 -23.09
CA PHE B 3 8.64 -21.08 -22.25
C PHE B 3 7.87 -20.69 -20.95
N ILE B 4 6.55 -20.65 -21.03
CA ILE B 4 5.80 -20.35 -19.81
C ILE B 4 5.95 -21.52 -18.82
N ASP B 5 5.82 -22.75 -19.32
CA ASP B 5 5.96 -23.94 -18.48
C ASP B 5 7.37 -23.98 -17.85
N ILE B 6 8.39 -23.78 -18.70
CA ILE B 6 9.83 -24.01 -18.35
C ILE B 6 10.44 -22.88 -17.54
N GLU B 7 10.25 -21.65 -18.05
CA GLU B 7 11.05 -20.50 -17.62
C GLU B 7 10.44 -19.67 -16.49
N PHE B 8 9.11 -19.69 -16.43
CA PHE B 8 8.37 -18.87 -15.49
C PHE B 8 8.11 -19.73 -14.25
N PRO B 9 7.92 -19.08 -13.10
CA PRO B 9 7.58 -19.82 -11.87
C PRO B 9 6.30 -20.67 -11.97
N GLU B 10 6.16 -21.72 -11.13
CA GLU B 10 5.00 -22.63 -11.10
C GLU B 10 3.66 -21.91 -11.03
N TRP B 11 3.65 -20.71 -10.47
CA TRP B 11 2.43 -19.89 -10.26
C TRP B 11 1.92 -19.21 -11.52
N PHE B 12 2.80 -19.15 -12.52
CA PHE B 12 2.44 -18.57 -13.82
C PHE B 12 1.98 -19.75 -14.71
N HIS B 13 0.69 -19.74 -15.07
CA HIS B 13 0.04 -20.81 -15.87
C HIS B 13 -0.23 -20.30 -17.26
N GLU B 14 0.05 -21.12 -18.27
CA GLU B 14 -0.33 -20.85 -19.63
C GLU B 14 -1.75 -21.36 -19.96
N GLY B 15 -2.49 -20.58 -20.73
CA GLY B 15 -3.85 -20.91 -21.17
C GLY B 15 -4.89 -21.34 -20.10
N LEU B 16 -4.85 -20.69 -18.92
CA LEU B 16 -5.75 -21.01 -17.80
C LEU B 16 -6.87 -19.98 -17.75
N SER B 17 -8.14 -20.42 -17.82
CA SER B 17 -9.29 -19.51 -17.73
C SER B 17 -9.45 -19.02 -16.30
N ARG B 18 -10.20 -17.91 -16.08
CA ARG B 18 -10.58 -17.47 -14.75
C ARG B 18 -11.29 -18.62 -14.01
N HIS B 19 -12.20 -19.31 -14.67
CA HIS B 19 -12.96 -20.37 -14.01
C HIS B 19 -12.02 -21.52 -13.55
N GLN B 20 -11.08 -21.97 -14.41
CA GLN B 20 -10.12 -23.02 -14.05
C GLN B 20 -9.23 -22.57 -12.93
N ALA B 21 -8.83 -21.28 -12.94
CA ALA B 21 -8.04 -20.68 -11.83
C ALA B 21 -8.78 -20.82 -10.48
N GLU B 22 -10.07 -20.48 -10.46
CA GLU B 22 -10.90 -20.63 -9.24
C GLU B 22 -10.87 -22.09 -8.73
N ASN B 23 -11.04 -22.99 -9.67
CA ASN B 23 -11.15 -24.36 -9.27
C ASN B 23 -9.87 -24.95 -8.69
N LEU B 24 -8.76 -24.53 -9.29
CA LEU B 24 -7.46 -24.96 -8.85
C LEU B 24 -7.21 -24.37 -7.47
N LEU B 25 -7.48 -23.07 -7.29
CA LEU B 25 -7.14 -22.43 -6.00
C LEU B 25 -8.13 -22.75 -4.85
N MET B 26 -9.35 -23.15 -5.17
CA MET B 26 -10.32 -23.56 -4.14
C MET B 26 -9.77 -24.70 -3.31
N GLY B 27 -8.93 -25.51 -3.95
CA GLY B 27 -8.29 -26.63 -3.32
C GLY B 27 -7.09 -26.21 -2.48
N LYS B 28 -6.80 -24.90 -2.37
CA LYS B 28 -5.62 -24.43 -1.65
C LYS B 28 -5.96 -23.55 -0.46
N ASP B 29 -4.94 -23.26 0.35
CA ASP B 29 -5.15 -22.42 1.48
C ASP B 29 -5.05 -20.95 1.12
N ILE B 30 -5.53 -20.08 2.02
CA ILE B 30 -5.47 -18.63 1.79
C ILE B 30 -4.09 -18.14 1.31
N GLY B 31 -4.06 -17.33 0.24
CA GLY B 31 -2.83 -16.70 -0.19
C GLY B 31 -2.20 -17.37 -1.41
N PHE B 32 -2.58 -18.62 -1.66
CA PHE B 32 -2.13 -19.30 -2.88
C PHE B 32 -2.66 -18.46 -4.08
N PHE B 33 -1.86 -18.41 -5.13
CA PHE B 33 -2.25 -17.57 -6.30
C PHE B 33 -1.72 -18.18 -7.60
N ILE B 34 -2.30 -17.69 -8.69
CA ILE B 34 -1.89 -17.91 -10.06
C ILE B 34 -1.88 -16.56 -10.79
N ILE B 35 -0.95 -16.42 -11.75
CA ILE B 35 -1.00 -15.36 -12.74
C ILE B 35 -1.25 -16.02 -14.14
N ARG B 36 -2.20 -15.43 -14.89
CA ARG B 36 -2.64 -16.02 -16.16
C ARG B 36 -2.90 -14.89 -17.12
N ALA B 37 -2.72 -15.19 -18.39
CA ALA B 37 -3.04 -14.20 -19.41
C ALA B 37 -4.55 -14.17 -19.47
N SER B 38 -5.14 -12.97 -19.35
CA SER B 38 -6.58 -12.79 -19.45
C SER B 38 -7.13 -13.25 -20.84
N GLN B 39 -8.21 -14.01 -20.78
CA GLN B 39 -8.98 -14.41 -21.96
C GLN B 39 -10.08 -13.40 -22.29
N SER B 40 -10.73 -12.83 -21.26
CA SER B 40 -11.74 -11.76 -21.49
C SER B 40 -11.13 -10.50 -22.05
N SER B 41 -9.89 -10.18 -21.66
CA SER B 41 -9.19 -9.01 -22.18
C SER B 41 -7.85 -9.41 -22.73
N PRO B 42 -7.79 -9.89 -24.01
CA PRO B 42 -6.50 -10.29 -24.61
C PRO B 42 -5.43 -9.19 -24.52
N GLY B 43 -4.32 -9.51 -23.88
CA GLY B 43 -3.20 -8.60 -23.74
C GLY B 43 -3.10 -8.15 -22.28
N ASP B 44 -4.07 -8.47 -21.44
CA ASP B 44 -3.97 -8.18 -20.00
C ASP B 44 -3.48 -9.44 -19.28
N PHE B 45 -2.89 -9.25 -18.10
CA PHE B 45 -2.66 -10.37 -17.20
C PHE B 45 -3.56 -10.23 -15.96
N SER B 46 -3.95 -11.35 -15.37
CA SER B 46 -4.77 -11.31 -14.14
C SER B 46 -4.08 -12.15 -13.09
N ILE B 47 -4.24 -11.72 -11.85
CA ILE B 47 -3.76 -12.54 -10.69
C ILE B 47 -4.99 -13.06 -9.92
N SER B 48 -5.06 -14.36 -9.75
CA SER B 48 -6.13 -14.99 -8.99
C SER B 48 -5.61 -15.43 -7.62
N VAL B 49 -6.35 -15.16 -6.57
CA VAL B 49 -5.87 -15.35 -5.18
C VAL B 49 -6.93 -16.01 -4.35
N ARG B 50 -6.52 -17.10 -3.71
CA ARG B 50 -7.36 -17.74 -2.71
C ARG B 50 -7.57 -16.81 -1.47
N HIS B 51 -8.84 -16.47 -1.19
CA HIS B 51 -9.25 -15.76 0.03
C HIS B 51 -9.97 -16.74 0.96
N GLU B 52 -10.56 -16.26 2.05
CA GLU B 52 -11.12 -17.19 3.05
C GLU B 52 -12.32 -17.99 2.52
N ASP B 53 -13.19 -17.39 1.72
CA ASP B 53 -14.26 -18.27 1.19
C ASP B 53 -14.34 -18.40 -0.28
N ASP B 54 -13.40 -17.83 -1.01
CA ASP B 54 -13.50 -17.90 -2.48
C ASP B 54 -12.21 -17.50 -3.13
N VAL B 55 -12.20 -17.42 -4.46
CA VAL B 55 -10.99 -16.98 -5.20
C VAL B 55 -11.37 -15.63 -5.86
N GLN B 56 -10.57 -14.59 -5.61
CA GLN B 56 -10.79 -13.26 -6.17
C GLN B 56 -9.71 -12.89 -7.16
N HIS B 57 -10.02 -11.93 -8.05
CA HIS B 57 -9.14 -11.73 -9.22
C HIS B 57 -8.72 -10.29 -9.31
N PHE B 58 -7.46 -10.06 -9.62
CA PHE B 58 -6.86 -8.74 -9.65
C PHE B 58 -6.38 -8.49 -11.09
N LYS B 59 -6.63 -7.30 -11.61
CA LYS B 59 -6.14 -6.97 -12.95
C LYS B 59 -4.80 -6.31 -12.86
N VAL B 60 -3.80 -6.87 -13.55
CA VAL B 60 -2.49 -6.21 -13.56
C VAL B 60 -2.52 -4.93 -14.38
N MET B 61 -2.34 -3.81 -13.71
CA MET B 61 -2.36 -2.50 -14.39
C MET B 61 -0.96 -2.11 -14.84
N ARG B 62 -0.90 -1.19 -15.82
CA ARG B 62 0.34 -0.78 -16.47
C ARG B 62 0.38 0.73 -16.65
N ASP B 63 1.57 1.33 -16.69
CA ASP B 63 1.67 2.69 -17.20
C ASP B 63 2.69 2.81 -18.35
N THR B 64 2.82 4.00 -18.92
CA THR B 64 3.58 4.11 -20.15
C THR B 64 5.04 4.08 -19.85
N LYS B 65 5.41 4.25 -18.56
CA LYS B 65 6.78 3.93 -18.13
C LYS B 65 7.10 2.42 -18.17
N GLY B 66 6.09 1.57 -18.29
CA GLY B 66 6.25 0.13 -18.19
C GLY B 66 6.22 -0.42 -16.78
N ASN B 67 5.77 0.38 -15.81
CA ASN B 67 5.51 -0.24 -14.50
C ASN B 67 4.31 -1.20 -14.47
N TYR B 68 4.30 -2.13 -13.50
CA TYR B 68 3.22 -3.09 -13.17
C TYR B 68 2.67 -2.70 -11.81
N PHE B 69 1.36 -2.60 -11.68
CA PHE B 69 0.77 -2.32 -10.37
C PHE B 69 -0.63 -2.93 -10.18
N LEU B 70 -0.98 -3.19 -8.94
CA LEU B 70 -2.38 -3.52 -8.63
C LEU B 70 -3.16 -2.35 -7.98
N TRP B 71 -2.50 -1.69 -7.04
CA TRP B 71 -3.21 -0.70 -6.21
C TRP B 71 -2.46 0.61 -6.36
N THR B 72 -1.54 0.93 -5.40
CA THR B 72 -0.72 2.15 -5.49
C THR B 72 0.76 1.94 -5.82
N GLU B 73 1.45 1.07 -5.05
CA GLU B 73 2.87 0.76 -5.25
C GLU B 73 3.07 0.22 -6.65
N LYS B 74 4.12 0.62 -7.34
CA LYS B 74 4.37 0.17 -8.73
C LYS B 74 5.73 -0.51 -8.78
N PHE B 75 5.96 -1.36 -9.79
CA PHE B 75 7.18 -2.17 -9.81
C PHE B 75 7.63 -2.26 -11.29
N PRO B 76 8.91 -2.29 -11.52
CA PRO B 76 9.41 -2.55 -12.90
C PRO B 76 9.34 -4.03 -13.36
N SER B 77 8.96 -4.99 -12.53
CA SER B 77 8.66 -6.36 -13.01
C SER B 77 7.46 -6.97 -12.29
N LEU B 78 6.85 -8.00 -12.91
CA LEU B 78 5.85 -8.84 -12.22
C LEU B 78 6.42 -9.55 -10.99
N ASN B 79 7.66 -9.95 -11.11
CA ASN B 79 8.28 -10.67 -9.99
C ASN B 79 8.44 -9.76 -8.74
N LYS B 80 8.71 -8.48 -8.96
CA LYS B 80 8.84 -7.49 -7.85
C LYS B 80 7.49 -7.19 -7.22
N LEU B 81 6.45 -7.11 -8.03
CA LEU B 81 5.07 -6.97 -7.56
C LEU B 81 4.68 -8.17 -6.69
N VAL B 82 4.86 -9.38 -7.20
CA VAL B 82 4.52 -10.58 -6.44
C VAL B 82 5.28 -10.62 -5.08
N ASP B 83 6.56 -10.24 -5.11
CA ASP B 83 7.34 -10.27 -3.85
C ASP B 83 6.83 -9.22 -2.85
N TYR B 84 6.43 -8.05 -3.34
CA TYR B 84 5.84 -7.01 -2.48
C TYR B 84 4.58 -7.52 -1.80
N TYR B 85 3.74 -8.26 -2.54
CA TYR B 85 2.58 -8.85 -1.95
C TYR B 85 2.76 -10.15 -1.16
N ARG B 86 4.01 -10.53 -0.91
CA ARG B 86 4.29 -11.56 0.10
C ARG B 86 4.34 -10.97 1.52
N THR B 87 4.63 -9.68 1.66
CA THR B 87 4.68 -9.02 2.99
C THR B 87 3.80 -7.77 3.15
N THR B 88 3.04 -7.43 2.12
CA THR B 88 2.04 -6.36 2.28
C THR B 88 0.75 -7.06 1.77
N SER B 89 -0.40 -6.85 2.44
CA SER B 89 -1.64 -7.54 2.04
C SER B 89 -2.04 -7.16 0.62
N ILE B 90 -2.42 -8.18 -0.18
CA ILE B 90 -2.98 -7.85 -1.50
C ILE B 90 -4.45 -7.48 -1.40
N SER B 91 -5.07 -7.94 -0.31
CA SER B 91 -6.48 -7.72 -0.03
C SER B 91 -6.60 -6.42 0.82
N LYS B 92 -7.59 -5.59 0.53
CA LYS B 92 -7.76 -4.41 1.33
C LYS B 92 -8.83 -4.63 2.43
N GLN B 93 -9.34 -5.86 2.58
CA GLN B 93 -10.43 -6.18 3.54
C GLN B 93 -10.09 -7.03 4.77
N LYS B 94 -9.37 -8.15 4.58
N LYS B 94 -9.49 -8.20 4.54
CA LYS B 94 -8.59 -8.78 5.66
CA LYS B 94 -8.85 -9.00 5.58
C LYS B 94 -7.14 -8.92 5.16
C LYS B 94 -7.46 -9.30 5.03
N GLN B 95 -6.25 -9.44 5.99
N GLN B 95 -6.44 -9.20 5.88
CA GLN B 95 -4.87 -9.54 5.57
CA GLN B 95 -5.07 -9.44 5.47
C GLN B 95 -4.68 -10.81 4.74
C GLN B 95 -4.90 -10.74 4.65
N VAL B 96 -4.31 -10.63 3.45
CA VAL B 96 -4.06 -11.78 2.58
C VAL B 96 -2.72 -11.54 1.88
N PHE B 97 -1.70 -12.32 2.26
CA PHE B 97 -0.39 -12.20 1.62
C PHE B 97 -0.20 -13.38 0.64
N LEU B 98 0.60 -13.16 -0.41
CA LEU B 98 0.82 -14.22 -1.43
C LEU B 98 1.70 -15.34 -0.91
N ARG B 99 1.36 -16.55 -1.30
CA ARG B 99 2.09 -17.74 -0.87
C ARG B 99 2.28 -18.64 -2.10
N ASP B 100 3.45 -19.25 -2.21
CA ASP B 100 3.62 -20.32 -3.20
C ASP B 100 4.34 -21.56 -2.59
N ARG C 2 -6.04 3.80 -1.06
CA ARG C 2 -5.46 3.69 0.33
C ARG C 2 -6.18 4.43 1.49
N GLU C 3 -6.12 3.80 2.65
CA GLU C 3 -6.77 4.33 3.88
C GLU C 3 -5.81 5.26 4.62
N VAL C 5 -6.08 7.44 8.56
CA VAL C 5 -6.86 7.51 9.80
C VAL C 5 -7.87 8.62 9.76
N ASN C 6 -7.41 9.75 9.24
CA ASN C 6 -8.21 10.98 9.31
C ASN C 6 -9.01 11.26 8.09
N VAL C 7 -9.07 10.32 7.18
CA VAL C 7 -9.82 10.53 5.97
C VAL C 7 -11.08 9.65 6.03
N ARG D 2 -18.17 -8.24 -15.23
CA ARG D 2 -17.00 -9.07 -14.88
C ARG D 2 -16.17 -8.29 -13.82
N GLU D 3 -16.08 -8.81 -12.58
CA GLU D 3 -15.44 -8.06 -11.48
C GLU D 3 -13.97 -8.42 -11.25
N VAL D 5 -11.01 -7.21 -8.15
CA VAL D 5 -10.99 -6.56 -6.82
C VAL D 5 -10.53 -5.09 -6.88
N ASN D 6 -9.57 -4.80 -7.78
CA ASN D 6 -8.82 -3.57 -7.86
C ASN D 6 -9.28 -2.72 -9.02
N VAL D 7 -10.46 -3.04 -9.57
CA VAL D 7 -11.10 -2.21 -10.62
C VAL D 7 -12.45 -1.68 -10.12
#